data_7QIK
#
_entry.id   7QIK
#
_cell.length_a   47.438
_cell.length_b   111.274
_cell.length_c   115.17
_cell.angle_alpha   90
_cell.angle_beta   90
_cell.angle_gamma   90
#
_symmetry.space_group_name_H-M   'P 21 21 21'
#
loop_
_entity.id
_entity.type
_entity.pdbx_description
1 polymer '14-3-3 protein sigma'
2 polymer SER-SER-ARG-ASN-SEP-THR-PRO-GLY
3 non-polymer DI(HYDROXYETHYL)ETHER
4 non-polymer GLYCEROL
5 non-polymer 'BROMIDE ION'
6 non-polymer 2-AMINO-2-HYDROXYMETHYL-PROPANE-1,3-DIOL
7 water water
#
loop_
_entity_poly.entity_id
_entity_poly.type
_entity_poly.pdbx_seq_one_letter_code
_entity_poly.pdbx_strand_id
1 'polypeptide(L)'
;GPHMERASLIQKAKLAEQAERYEDMAAFMKGAVEKGEELSCEERNLLSVAYKNVVGGQRAAWRVLSSIEQKSNEEGSAAA
GPEVREYREKVETELQGVCDTVLGLLDSHLIKEAGDAESRVFYLKMKGDYYRYLAEVATGDDKKRIIDSARSAYQEAMDI
SKKEMPPTNPIRLGLALNFSVFHYEIANSPEEAISLAKTTFDEAMADLHTLSEDSYKDSTLIMQLLRDNLTLWT
;
A,B
2 'polypeptide(L)' SSRN(SEP)TPG E,F
#
loop_
_chem_comp.id
_chem_comp.type
_chem_comp.name
_chem_comp.formula
BR non-polymer 'BROMIDE ION' 'Br -1'
GOL non-polymer GLYCEROL 'C3 H8 O3'
PEG non-polymer DI(HYDROXYETHYL)ETHER 'C4 H10 O3'
TRS non-polymer 2-AMINO-2-HYDROXYMETHYL-PROPANE-1,3-DIOL 'C4 H12 N O3 1'
#
# COMPACT_ATOMS: atom_id res chain seq x y z
N GLU A 5 -21.37 -5.97 -18.18
CA GLU A 5 -20.03 -5.94 -17.57
C GLU A 5 -19.46 -4.55 -17.31
N ARG A 6 -19.55 -3.59 -18.24
CA ARG A 6 -18.94 -2.26 -18.04
C ARG A 6 -19.40 -1.59 -16.75
N ALA A 7 -20.71 -1.66 -16.47
CA ALA A 7 -21.25 -1.09 -15.24
C ALA A 7 -20.69 -1.80 -14.02
N SER A 8 -20.44 -3.13 -14.13
CA SER A 8 -19.87 -3.95 -13.06
C SER A 8 -18.40 -3.61 -12.82
N LEU A 9 -17.62 -3.38 -13.89
CA LEU A 9 -16.20 -3.01 -13.79
C LEU A 9 -16.05 -1.65 -13.11
N ILE A 10 -16.94 -0.70 -13.44
CA ILE A 10 -16.87 0.62 -12.82
C ILE A 10 -17.28 0.53 -11.34
N GLN A 11 -18.29 -0.29 -11.04
CA GLN A 11 -18.68 -0.46 -9.65
C GLN A 11 -17.59 -1.13 -8.84
N LYS A 12 -16.88 -2.11 -9.43
CA LYS A 12 -15.77 -2.78 -8.77
C LYS A 12 -14.59 -1.82 -8.57
N ALA A 13 -14.38 -0.87 -9.49
CA ALA A 13 -13.34 0.14 -9.36
C ALA A 13 -13.67 1.03 -8.16
N LYS A 14 -14.95 1.40 -7.99
CA LYS A 14 -15.36 2.21 -6.85
C LYS A 14 -15.20 1.44 -5.53
N LEU A 15 -15.49 0.12 -5.51
CA LEU A 15 -15.29 -0.69 -4.30
C LEU A 15 -13.79 -0.82 -3.99
N ALA A 16 -12.96 -1.02 -5.02
CA ALA A 16 -11.51 -1.12 -4.84
C ALA A 16 -10.94 0.19 -4.30
N GLU A 17 -11.49 1.33 -4.73
CA GLU A 17 -11.04 2.63 -4.23
C GLU A 17 -11.34 2.76 -2.72
N GLN A 18 -12.55 2.36 -2.29
CA GLN A 18 -12.91 2.39 -0.88
C GLN A 18 -12.02 1.49 -0.04
N ALA A 19 -11.64 0.31 -0.59
CA ALA A 19 -10.78 -0.65 0.09
C ALA A 19 -9.28 -0.32 -0.03
N GLU A 20 -8.92 0.77 -0.72
CA GLU A 20 -7.54 1.21 -0.97
C GLU A 20 -6.71 0.16 -1.72
N ARG A 21 -7.37 -0.55 -2.62
CA ARG A 21 -6.75 -1.57 -3.46
C ARG A 21 -6.57 -0.92 -4.85
N TYR A 22 -5.56 -0.06 -4.99
CA TYR A 22 -5.36 0.72 -6.23
C TYR A 22 -4.91 -0.09 -7.44
N GLU A 23 -4.18 -1.21 -7.27
CA GLU A 23 -3.82 -2.05 -8.42
C GLU A 23 -5.07 -2.72 -8.96
N ASP A 24 -5.97 -3.21 -8.06
CA ASP A 24 -7.25 -3.77 -8.49
C ASP A 24 -8.09 -2.69 -9.18
N MET A 25 -8.17 -1.49 -8.57
CA MET A 25 -8.94 -0.37 -9.13
C MET A 25 -8.47 -0.03 -10.56
N ALA A 26 -7.13 0.01 -10.79
CA ALA A 26 -6.56 0.30 -12.10
C ALA A 26 -6.90 -0.78 -13.12
N ALA A 27 -6.82 -2.05 -12.72
CA ALA A 27 -7.15 -3.17 -13.61
C ALA A 27 -8.65 -3.18 -13.97
N PHE A 28 -9.54 -2.77 -13.04
CA PHE A 28 -10.98 -2.69 -13.33
C PHE A 28 -11.24 -1.53 -14.31
N MET A 29 -10.59 -0.37 -14.10
CA MET A 29 -10.73 0.78 -15.01
C MET A 29 -10.16 0.50 -16.37
N LYS A 30 -9.07 -0.28 -16.45
CA LYS A 30 -8.48 -0.69 -17.72
C LYS A 30 -9.50 -1.55 -18.50
N GLY A 31 -10.19 -2.45 -17.80
CA GLY A 31 -11.20 -3.30 -18.42
C GLY A 31 -12.37 -2.49 -18.93
N ALA A 32 -12.78 -1.46 -18.17
CA ALA A 32 -13.88 -0.59 -18.55
C ALA A 32 -13.52 0.24 -19.80
N VAL A 33 -12.27 0.77 -19.87
CA VAL A 33 -11.79 1.54 -21.03
C VAL A 33 -11.82 0.64 -22.28
N GLU A 34 -11.40 -0.62 -22.14
CA GLU A 34 -11.34 -1.54 -23.26
C GLU A 34 -12.74 -1.93 -23.82
N LYS A 35 -13.84 -1.49 -23.17
CA LYS A 35 -15.19 -1.70 -23.71
C LYS A 35 -15.48 -0.77 -24.92
N GLY A 36 -14.76 0.33 -25.07
CA GLY A 36 -14.91 1.22 -26.20
C GLY A 36 -15.75 2.46 -26.02
N GLU A 37 -16.57 2.53 -24.97
CA GLU A 37 -17.40 3.71 -24.71
C GLU A 37 -16.54 4.82 -24.12
N GLU A 38 -16.78 6.09 -24.50
CA GLU A 38 -16.02 7.20 -23.91
C GLU A 38 -16.26 7.26 -22.40
N LEU A 39 -15.30 7.79 -21.67
CA LEU A 39 -15.41 7.88 -20.23
C LEU A 39 -16.05 9.20 -19.86
N SER A 40 -16.95 9.17 -18.89
CA SER A 40 -17.53 10.40 -18.36
C SER A 40 -16.43 11.11 -17.52
N CYS A 41 -16.69 12.35 -17.06
CA CYS A 41 -15.72 13.08 -16.24
C CYS A 41 -15.42 12.29 -14.94
N GLU A 42 -16.46 11.67 -14.32
CA GLU A 42 -16.28 10.87 -13.11
C GLU A 42 -15.42 9.64 -13.40
N GLU A 43 -15.68 8.93 -14.52
CA GLU A 43 -14.92 7.75 -14.92
C GLU A 43 -13.45 8.07 -15.25
N ARG A 44 -13.17 9.21 -15.93
CA ARG A 44 -11.81 9.64 -16.23
C ARG A 44 -11.04 9.86 -14.94
N ASN A 45 -11.69 10.47 -13.93
CA ASN A 45 -11.07 10.72 -12.65
C ASN A 45 -10.76 9.42 -11.92
N LEU A 46 -11.64 8.40 -12.04
CA LEU A 46 -11.42 7.10 -11.43
C LEU A 46 -10.18 6.45 -12.06
N LEU A 47 -10.06 6.52 -13.40
CA LEU A 47 -8.92 5.94 -14.11
C LEU A 47 -7.62 6.64 -13.66
N SER A 48 -7.66 7.97 -13.62
CA SER A 48 -6.52 8.80 -13.23
C SER A 48 -6.07 8.52 -11.79
N VAL A 49 -7.00 8.52 -10.81
CA VAL A 49 -6.70 8.26 -9.39
C VAL A 49 -6.08 6.89 -9.22
N ALA A 50 -6.63 5.88 -9.91
CA ALA A 50 -6.14 4.52 -9.77
C ALA A 50 -4.65 4.41 -10.20
N TYR A 51 -4.30 4.85 -11.43
CA TYR A 51 -2.94 4.72 -11.89
C TYR A 51 -1.98 5.68 -11.17
N LYS A 52 -2.47 6.87 -10.76
CA LYS A 52 -1.62 7.82 -10.02
C LYS A 52 -1.17 7.22 -8.67
N ASN A 53 -2.07 6.48 -8.02
CA ASN A 53 -1.73 5.83 -6.75
C ASN A 53 -0.73 4.71 -6.94
N VAL A 54 -0.94 3.89 -7.97
CA VAL A 54 -0.06 2.77 -8.27
C VAL A 54 1.36 3.28 -8.58
N VAL A 55 1.51 4.19 -9.55
CA VAL A 55 2.80 4.74 -9.94
C VAL A 55 3.39 5.62 -8.85
N GLY A 56 2.56 6.25 -8.02
CA GLY A 56 3.03 7.08 -6.92
C GLY A 56 3.79 6.27 -5.88
N GLY A 57 3.31 5.05 -5.63
CA GLY A 57 3.98 4.15 -4.69
C GLY A 57 5.31 3.67 -5.23
N GLN A 58 5.37 3.40 -6.53
CA GLN A 58 6.62 2.95 -7.16
C GLN A 58 7.63 4.09 -7.22
N ARG A 59 7.18 5.31 -7.56
CA ARG A 59 8.05 6.49 -7.61
C ARG A 59 8.65 6.75 -6.22
N ALA A 60 7.83 6.63 -5.17
CA ALA A 60 8.30 6.84 -3.78
C ALA A 60 9.34 5.78 -3.38
N ALA A 61 9.10 4.52 -3.77
CA ALA A 61 10.04 3.43 -3.46
C ALA A 61 11.35 3.66 -4.22
N TRP A 62 11.26 4.07 -5.50
CA TRP A 62 12.42 4.33 -6.33
C TRP A 62 13.28 5.44 -5.72
N ARG A 63 12.65 6.49 -5.20
CA ARG A 63 13.38 7.60 -4.58
C ARG A 63 14.09 7.18 -3.31
N VAL A 64 13.48 6.30 -2.50
CA VAL A 64 14.14 5.80 -1.28
C VAL A 64 15.39 5.01 -1.67
N LEU A 65 15.25 4.07 -2.62
CA LEU A 65 16.36 3.22 -3.06
C LEU A 65 17.49 4.00 -3.70
N SER A 66 17.15 4.96 -4.60
CA SER A 66 18.10 5.81 -5.29
C SER A 66 18.90 6.63 -4.28
N SER A 67 18.24 7.13 -3.25
CA SER A 67 18.84 7.92 -2.18
C SER A 67 19.82 7.06 -1.35
N ILE A 68 19.49 5.78 -1.10
CA ILE A 68 20.39 4.89 -0.36
C ILE A 68 21.61 4.59 -1.21
N GLU A 69 21.36 4.26 -2.49
CA GLU A 69 22.39 3.96 -3.48
C GLU A 69 23.38 5.11 -3.66
N GLN A 70 22.93 6.36 -3.57
CA GLN A 70 23.81 7.52 -3.72
C GLN A 70 24.49 7.93 -2.42
N LYS A 71 23.82 7.72 -1.26
CA LYS A 71 24.42 8.04 0.03
C LYS A 71 25.62 7.13 0.29
N SER A 72 25.51 5.84 -0.11
CA SER A 72 26.58 4.86 0.07
C SER A 72 27.79 5.16 -0.85
N GLY A 81 28.33 -3.11 -2.80
CA GLY A 81 26.90 -3.12 -2.57
C GLY A 81 26.05 -3.30 -3.83
N PRO A 82 26.13 -4.49 -4.49
CA PRO A 82 25.31 -4.70 -5.69
C PRO A 82 23.80 -4.84 -5.41
N GLU A 83 23.43 -5.18 -4.16
CA GLU A 83 22.01 -5.37 -3.78
C GLU A 83 21.12 -4.15 -3.98
N VAL A 84 21.55 -2.94 -3.58
CA VAL A 84 20.72 -1.74 -3.75
C VAL A 84 20.43 -1.48 -5.21
N ARG A 85 21.47 -1.60 -6.06
CA ARG A 85 21.35 -1.40 -7.50
C ARG A 85 20.37 -2.40 -8.12
N GLU A 86 20.51 -3.68 -7.80
CA GLU A 86 19.64 -4.71 -8.34
C GLU A 86 18.20 -4.50 -7.94
N TYR A 87 17.96 -4.17 -6.66
CA TYR A 87 16.60 -3.97 -6.18
C TYR A 87 15.98 -2.68 -6.77
N ARG A 88 16.79 -1.64 -6.91
CA ARG A 88 16.36 -0.39 -7.55
C ARG A 88 15.95 -0.64 -9.01
N GLU A 89 16.71 -1.49 -9.73
CA GLU A 89 16.40 -1.85 -11.11
C GLU A 89 15.10 -2.63 -11.19
N LYS A 90 14.81 -3.49 -10.20
CA LYS A 90 13.58 -4.27 -10.16
C LYS A 90 12.36 -3.33 -10.01
N VAL A 91 12.46 -2.34 -9.09
CA VAL A 91 11.37 -1.39 -8.87
C VAL A 91 11.16 -0.50 -10.12
N GLU A 92 12.27 -0.11 -10.78
CA GLU A 92 12.28 0.67 -12.02
C GLU A 92 11.54 -0.08 -13.12
N THR A 93 11.85 -1.37 -13.31
CA THR A 93 11.24 -2.21 -14.33
C THR A 93 9.75 -2.30 -14.11
N GLU A 94 9.32 -2.44 -12.85
CA GLU A 94 7.89 -2.48 -12.52
C GLU A 94 7.20 -1.15 -12.81
N LEU A 95 7.81 -0.01 -12.43
CA LEU A 95 7.30 1.33 -12.69
C LEU A 95 7.15 1.53 -14.20
N GLN A 96 8.16 1.09 -14.98
CA GLN A 96 8.14 1.21 -16.43
C GLN A 96 6.99 0.44 -17.05
N GLY A 97 6.70 -0.73 -16.51
CA GLY A 97 5.59 -1.57 -16.96
C GLY A 97 4.24 -0.90 -16.73
N VAL A 98 4.08 -0.22 -15.58
CA VAL A 98 2.83 0.50 -15.30
C VAL A 98 2.67 1.69 -16.27
N CYS A 99 3.72 2.51 -16.46
CA CYS A 99 3.70 3.62 -17.42
C CYS A 99 3.39 3.13 -18.84
N ASP A 100 4.02 2.02 -19.28
CA ASP A 100 3.76 1.47 -20.61
C ASP A 100 2.30 1.03 -20.77
N THR A 101 1.69 0.48 -19.72
CA THR A 101 0.28 0.10 -19.73
C THR A 101 -0.62 1.34 -19.92
N VAL A 102 -0.37 2.43 -19.17
CA VAL A 102 -1.16 3.67 -19.29
C VAL A 102 -0.98 4.30 -20.66
N LEU A 103 0.27 4.39 -21.13
CA LEU A 103 0.57 4.94 -22.48
C LEU A 103 -0.09 4.10 -23.59
N GLY A 104 -0.14 2.78 -23.39
CA GLY A 104 -0.83 1.89 -24.32
C GLY A 104 -2.34 2.15 -24.35
N LEU A 105 -2.99 2.31 -23.17
CA LEU A 105 -4.42 2.63 -23.12
C LEU A 105 -4.70 3.97 -23.82
N LEU A 106 -3.88 4.99 -23.55
CA LEU A 106 -4.05 6.31 -24.12
C LEU A 106 -3.97 6.26 -25.65
N ASP A 107 -2.99 5.54 -26.19
CA ASP A 107 -2.84 5.41 -27.63
C ASP A 107 -3.95 4.60 -28.30
N SER A 108 -4.34 3.48 -27.71
CA SER A 108 -5.28 2.60 -28.39
C SER A 108 -6.75 2.92 -28.15
N HIS A 109 -7.09 3.67 -27.07
CA HIS A 109 -8.50 3.90 -26.78
C HIS A 109 -8.92 5.30 -26.43
N LEU A 110 -8.09 6.05 -25.68
CA LEU A 110 -8.54 7.31 -25.11
C LEU A 110 -8.26 8.56 -25.94
N ILE A 111 -7.08 8.66 -26.53
CA ILE A 111 -6.73 9.84 -27.32
C ILE A 111 -7.37 9.75 -28.71
N LYS A 112 -8.25 10.70 -29.02
N LYS A 112 -8.23 10.72 -29.03
CA LYS A 112 -8.90 10.75 -30.34
CA LYS A 112 -8.87 10.77 -30.35
C LYS A 112 -8.95 12.19 -30.89
C LYS A 112 -8.98 12.20 -30.89
N GLU A 113 -9.32 12.34 -32.18
CA GLU A 113 -9.48 13.66 -32.81
C GLU A 113 -10.80 14.29 -32.33
N ALA A 114 -11.86 13.46 -32.15
CA ALA A 114 -13.17 13.93 -31.71
C ALA A 114 -13.27 14.10 -30.17
N GLY A 115 -14.37 14.68 -29.72
CA GLY A 115 -14.61 14.94 -28.29
C GLY A 115 -14.34 16.38 -27.95
N ASP A 116 -14.84 16.85 -26.79
CA ASP A 116 -14.60 18.23 -26.40
C ASP A 116 -13.10 18.47 -26.09
N ALA A 117 -12.69 19.75 -26.07
CA ALA A 117 -11.31 20.15 -25.75
C ALA A 117 -10.90 19.62 -24.39
N GLU A 118 -11.81 19.65 -23.43
CA GLU A 118 -11.59 19.18 -22.09
C GLU A 118 -11.07 17.73 -22.04
N SER A 119 -11.75 16.79 -22.71
CA SER A 119 -11.32 15.40 -22.69
C SER A 119 -9.98 15.24 -23.42
N ARG A 120 -9.79 15.92 -24.55
CA ARG A 120 -8.56 15.82 -25.32
C ARG A 120 -7.35 16.33 -24.55
N VAL A 121 -7.48 17.45 -23.84
CA VAL A 121 -6.40 18.00 -23.04
C VAL A 121 -6.13 17.08 -21.85
N PHE A 122 -7.18 16.54 -21.21
CA PHE A 122 -7.01 15.63 -20.09
C PHE A 122 -6.09 14.42 -20.45
N TYR A 123 -6.38 13.75 -21.55
CA TYR A 123 -5.63 12.57 -21.96
C TYR A 123 -4.24 12.91 -22.47
N LEU A 124 -4.08 14.04 -23.16
CA LEU A 124 -2.77 14.46 -23.64
C LEU A 124 -1.87 14.88 -22.47
N LYS A 125 -2.45 15.46 -21.41
CA LYS A 125 -1.75 15.82 -20.17
C LYS A 125 -1.28 14.53 -19.47
N MET A 126 -2.17 13.53 -19.43
CA MET A 126 -1.86 12.22 -18.84
C MET A 126 -0.71 11.56 -19.62
N LYS A 127 -0.69 11.70 -20.95
CA LYS A 127 0.39 11.16 -21.76
C LYS A 127 1.73 11.86 -21.41
N GLY A 128 1.72 13.17 -21.27
CA GLY A 128 2.91 13.91 -20.85
C GLY A 128 3.38 13.48 -19.46
N ASP A 129 2.45 13.33 -18.51
CA ASP A 129 2.76 12.87 -17.16
C ASP A 129 3.42 11.49 -17.12
N TYR A 130 2.86 10.47 -17.82
CA TYR A 130 3.43 9.12 -17.75
C TYR A 130 4.78 9.05 -18.48
N TYR A 131 5.02 9.86 -19.54
CA TYR A 131 6.36 9.93 -20.15
C TYR A 131 7.32 10.66 -19.19
N ARG A 132 6.83 11.62 -18.40
CA ARG A 132 7.66 12.33 -17.44
C ARG A 132 8.09 11.35 -16.31
N TYR A 133 7.21 10.43 -15.90
CA TYR A 133 7.59 9.42 -14.88
C TYR A 133 8.65 8.48 -15.46
N LEU A 134 8.55 8.13 -16.75
CA LEU A 134 9.56 7.30 -17.42
C LEU A 134 10.90 8.08 -17.49
N ALA A 135 10.82 9.39 -17.77
CA ALA A 135 12.01 10.25 -17.85
C ALA A 135 12.73 10.37 -16.51
N GLU A 136 12.01 10.35 -15.38
CA GLU A 136 12.61 10.42 -14.04
C GLU A 136 13.62 9.28 -13.77
N VAL A 137 13.38 8.09 -14.36
CA VAL A 137 14.23 6.93 -14.09
C VAL A 137 15.14 6.57 -15.28
N ALA A 138 15.01 7.29 -16.44
CA ALA A 138 15.80 7.05 -17.66
C ALA A 138 17.20 7.61 -17.52
N THR A 139 18.20 6.81 -17.89
CA THR A 139 19.61 7.22 -17.81
C THR A 139 20.41 6.92 -19.08
N GLY A 140 19.89 6.07 -19.95
CA GLY A 140 20.60 5.68 -21.15
C GLY A 140 20.28 6.42 -22.44
N ASP A 141 20.35 5.67 -23.55
CA ASP A 141 20.15 6.13 -24.93
C ASP A 141 18.71 6.57 -25.24
N ASP A 142 17.73 6.05 -24.49
CA ASP A 142 16.32 6.41 -24.70
C ASP A 142 15.88 7.70 -24.00
N LYS A 143 16.67 8.18 -23.02
CA LYS A 143 16.36 9.37 -22.23
C LYS A 143 15.88 10.59 -23.07
N LYS A 144 16.62 10.97 -24.10
CA LYS A 144 16.24 12.10 -24.94
C LYS A 144 14.91 11.84 -25.65
N ARG A 145 14.71 10.64 -26.15
CA ARG A 145 13.48 10.26 -26.85
C ARG A 145 12.26 10.36 -25.88
N ILE A 146 12.42 9.84 -24.66
CA ILE A 146 11.38 9.87 -23.64
C ILE A 146 11.02 11.30 -23.24
N ILE A 147 12.03 12.15 -23.03
CA ILE A 147 11.80 13.55 -22.68
C ILE A 147 11.08 14.31 -23.80
N ASP A 148 11.47 14.07 -25.08
CA ASP A 148 10.81 14.78 -26.18
C ASP A 148 9.37 14.29 -26.35
N SER A 149 9.07 13.00 -26.04
CA SER A 149 7.70 12.49 -26.08
C SER A 149 6.84 13.21 -24.99
N ALA A 150 7.37 13.38 -23.74
CA ALA A 150 6.65 14.13 -22.68
C ALA A 150 6.41 15.57 -23.16
N ARG A 151 7.44 16.24 -23.67
CA ARG A 151 7.36 17.62 -24.15
C ARG A 151 6.33 17.77 -25.26
N SER A 152 6.38 16.92 -26.30
CA SER A 152 5.45 16.99 -27.41
C SER A 152 4.00 16.83 -26.95
N ALA A 153 3.74 15.90 -26.02
CA ALA A 153 2.37 15.68 -25.53
C ALA A 153 1.87 16.91 -24.74
N TYR A 154 2.69 17.45 -23.84
CA TYR A 154 2.28 18.64 -23.08
C TYR A 154 2.08 19.84 -24.02
N GLN A 155 2.96 20.03 -25.00
CA GLN A 155 2.86 21.14 -25.95
C GLN A 155 1.60 21.09 -26.80
N GLU A 156 1.24 19.89 -27.29
CA GLU A 156 0.01 19.71 -28.04
C GLU A 156 -1.21 20.04 -27.13
N ALA A 157 -1.16 19.59 -25.87
CA ALA A 157 -2.24 19.88 -24.91
C ALA A 157 -2.33 21.39 -24.62
N MET A 158 -1.18 22.08 -24.49
CA MET A 158 -1.15 23.51 -24.22
C MET A 158 -1.78 24.29 -25.38
N ASP A 159 -1.51 23.87 -26.62
CA ASP A 159 -2.03 24.55 -27.81
C ASP A 159 -3.55 24.47 -27.85
N ILE A 160 -4.12 23.28 -27.56
CA ILE A 160 -5.56 23.10 -27.52
C ILE A 160 -6.18 23.92 -26.38
N SER A 161 -5.62 23.85 -25.17
CA SER A 161 -6.17 24.55 -24.02
C SER A 161 -6.20 26.08 -24.17
N LYS A 162 -5.15 26.66 -24.76
CA LYS A 162 -5.12 28.11 -24.96
C LYS A 162 -6.16 28.58 -25.98
N LYS A 163 -6.45 27.75 -26.99
CA LYS A 163 -7.43 28.10 -28.01
C LYS A 163 -8.87 27.80 -27.62
N GLU A 164 -9.10 26.77 -26.81
CA GLU A 164 -10.47 26.32 -26.57
C GLU A 164 -10.96 26.31 -25.13
N MET A 165 -10.13 26.67 -24.15
CA MET A 165 -10.57 26.66 -22.75
C MET A 165 -10.30 28.00 -22.08
N PRO A 166 -11.14 28.40 -21.11
CA PRO A 166 -10.86 29.67 -20.39
C PRO A 166 -9.65 29.52 -19.46
N PRO A 167 -8.90 30.61 -19.19
CA PRO A 167 -7.68 30.49 -18.38
C PRO A 167 -7.85 30.03 -16.94
N THR A 168 -9.09 29.99 -16.44
CA THR A 168 -9.37 29.53 -15.09
C THR A 168 -9.80 28.05 -15.05
N ASN A 169 -9.92 27.37 -16.21
CA ASN A 169 -10.31 25.96 -16.25
C ASN A 169 -9.29 25.12 -15.50
N PRO A 170 -9.75 24.31 -14.53
CA PRO A 170 -8.78 23.53 -13.73
C PRO A 170 -7.94 22.51 -14.50
N ILE A 171 -8.46 21.98 -15.63
CA ILE A 171 -7.68 21.05 -16.44
C ILE A 171 -6.54 21.82 -17.13
N ARG A 172 -6.84 23.02 -17.64
CA ARG A 172 -5.86 23.89 -18.25
C ARG A 172 -4.77 24.29 -17.21
N LEU A 173 -5.21 24.64 -15.99
CA LEU A 173 -4.32 25.05 -14.89
C LEU A 173 -3.42 23.91 -14.45
N GLY A 174 -3.99 22.71 -14.34
CA GLY A 174 -3.25 21.52 -13.92
C GLY A 174 -2.23 21.07 -14.95
N LEU A 175 -2.56 21.26 -16.24
CA LEU A 175 -1.65 20.93 -17.31
C LEU A 175 -0.44 21.90 -17.23
N ALA A 176 -0.70 23.21 -17.06
CA ALA A 176 0.38 24.18 -16.97
C ALA A 176 1.24 23.92 -15.78
N LEU A 177 0.62 23.59 -14.63
CA LEU A 177 1.37 23.22 -13.43
C LEU A 177 2.34 22.05 -13.70
N ASN A 178 1.86 20.96 -14.31
CA ASN A 178 2.71 19.81 -14.59
C ASN A 178 3.77 20.06 -15.64
N PHE A 179 3.44 20.81 -16.72
CA PHE A 179 4.40 21.15 -17.77
C PHE A 179 5.50 22.05 -17.19
N SER A 180 5.13 22.95 -16.27
CA SER A 180 6.08 23.80 -15.56
C SER A 180 7.03 22.93 -14.70
N VAL A 181 6.52 21.87 -14.05
CA VAL A 181 7.35 20.93 -13.27
C VAL A 181 8.31 20.19 -14.23
N PHE A 182 7.79 19.78 -15.42
CA PHE A 182 8.59 19.12 -16.45
C PHE A 182 9.78 20.03 -16.85
N HIS A 183 9.51 21.30 -17.16
CA HIS A 183 10.57 22.26 -17.52
C HIS A 183 11.63 22.37 -16.41
N TYR A 184 11.19 22.50 -15.16
CA TYR A 184 12.10 22.65 -14.04
C TYR A 184 12.97 21.42 -13.73
N GLU A 185 12.37 20.24 -13.55
CA GLU A 185 13.06 19.02 -13.12
C GLU A 185 13.58 18.09 -14.21
N ILE A 186 12.94 18.06 -15.37
CA ILE A 186 13.29 17.10 -16.40
C ILE A 186 14.09 17.76 -17.49
N ALA A 187 13.58 18.86 -18.04
CA ALA A 187 14.24 19.58 -19.12
C ALA A 187 15.36 20.51 -18.65
N ASN A 188 15.53 20.70 -17.33
CA ASN A 188 16.54 21.61 -16.78
C ASN A 188 16.44 23.03 -17.37
N SER A 189 15.20 23.54 -17.51
CA SER A 189 14.90 24.87 -18.04
C SER A 189 14.09 25.65 -16.99
N PRO A 190 14.75 26.08 -15.91
CA PRO A 190 14.03 26.78 -14.83
C PRO A 190 13.40 28.11 -15.23
N GLU A 191 14.01 28.83 -16.18
CA GLU A 191 13.45 30.08 -16.65
C GLU A 191 12.14 29.85 -17.37
N GLU A 192 12.05 28.80 -18.18
CA GLU A 192 10.83 28.45 -18.89
C GLU A 192 9.76 27.96 -17.90
N ALA A 193 10.17 27.24 -16.85
CA ALA A 193 9.29 26.74 -15.81
C ALA A 193 8.64 27.89 -15.03
N ILE A 194 9.44 28.89 -14.60
CA ILE A 194 8.99 30.03 -13.83
C ILE A 194 8.10 30.93 -14.67
N SER A 195 8.49 31.20 -15.93
CA SER A 195 7.70 32.07 -16.77
C SER A 195 6.34 31.43 -17.13
N LEU A 196 6.30 30.09 -17.29
CA LEU A 196 5.02 29.42 -17.59
C LEU A 196 4.09 29.45 -16.37
N ALA A 197 4.63 29.21 -15.18
CA ALA A 197 3.83 29.25 -13.96
C ALA A 197 3.32 30.66 -13.68
N LYS A 198 4.19 31.67 -13.90
CA LYS A 198 3.82 33.07 -13.73
C LYS A 198 2.75 33.51 -14.72
N THR A 199 2.88 33.15 -15.99
CA THR A 199 1.91 33.52 -17.01
C THR A 199 0.56 32.86 -16.74
N THR A 200 0.58 31.55 -16.39
CA THR A 200 -0.64 30.80 -16.09
C THR A 200 -1.37 31.42 -14.89
N PHE A 201 -0.62 31.72 -13.82
CA PHE A 201 -1.20 32.33 -12.62
C PHE A 201 -1.82 33.70 -12.95
N ASP A 202 -1.08 34.58 -13.63
CA ASP A 202 -1.56 35.91 -13.97
C ASP A 202 -2.78 35.90 -14.88
N GLU A 203 -2.82 35.03 -15.90
CA GLU A 203 -3.96 34.96 -16.80
C GLU A 203 -5.21 34.45 -16.10
N ALA A 204 -5.06 33.55 -15.13
CA ALA A 204 -6.18 33.04 -14.35
C ALA A 204 -6.66 34.11 -13.36
N MET A 205 -5.70 34.82 -12.75
CA MET A 205 -5.97 35.87 -11.77
C MET A 205 -6.88 36.96 -12.33
N ALA A 206 -6.68 37.34 -13.58
CA ALA A 206 -7.49 38.35 -14.26
C ALA A 206 -8.98 37.98 -14.40
N ASP A 207 -9.28 36.67 -14.44
CA ASP A 207 -10.65 36.18 -14.61
C ASP A 207 -11.22 35.50 -13.36
N LEU A 208 -10.47 35.48 -12.25
CA LEU A 208 -10.82 34.85 -10.98
C LEU A 208 -12.18 35.25 -10.45
N HIS A 209 -12.56 36.53 -10.59
CA HIS A 209 -13.83 37.09 -10.09
C HIS A 209 -15.08 36.65 -10.84
N THR A 210 -14.91 36.05 -12.02
CA THR A 210 -16.03 35.55 -12.82
C THR A 210 -16.14 34.00 -12.78
N LEU A 211 -15.21 33.31 -12.08
CA LEU A 211 -15.11 31.86 -11.97
C LEU A 211 -16.40 31.27 -11.37
N SER A 212 -16.84 30.11 -11.87
CA SER A 212 -18.08 29.49 -11.39
C SER A 212 -17.85 28.58 -10.20
N GLU A 213 -18.84 28.57 -9.27
CA GLU A 213 -18.82 27.82 -8.02
C GLU A 213 -18.35 26.37 -8.14
N ASP A 214 -18.69 25.70 -9.25
CA ASP A 214 -18.29 24.31 -9.47
C ASP A 214 -16.76 24.12 -9.53
N SER A 215 -16.03 25.11 -10.10
CA SER A 215 -14.58 25.00 -10.19
C SER A 215 -13.81 25.74 -9.12
N TYR A 216 -14.50 26.41 -8.16
CA TYR A 216 -13.86 27.15 -7.05
C TYR A 216 -12.72 26.40 -6.38
N LYS A 217 -12.99 25.24 -5.77
CA LYS A 217 -11.97 24.50 -5.05
C LYS A 217 -10.82 24.03 -5.93
N ASP A 218 -11.14 23.42 -7.09
CA ASP A 218 -10.12 22.88 -7.98
C ASP A 218 -9.21 23.95 -8.57
N SER A 219 -9.80 25.02 -9.12
CA SER A 219 -9.04 26.12 -9.71
C SER A 219 -8.18 26.81 -8.66
N THR A 220 -8.75 27.16 -7.48
CA THR A 220 -7.98 27.80 -6.42
C THR A 220 -6.90 26.88 -5.85
N LEU A 221 -7.13 25.55 -5.79
CA LEU A 221 -6.11 24.64 -5.28
C LEU A 221 -4.91 24.62 -6.22
N ILE A 222 -5.13 24.55 -7.54
N ILE A 222 -5.14 24.54 -7.54
CA ILE A 222 -4.02 24.55 -8.49
CA ILE A 222 -4.05 24.56 -8.51
C ILE A 222 -3.33 25.92 -8.51
C ILE A 222 -3.33 25.91 -8.50
N MET A 223 -4.08 27.03 -8.40
CA MET A 223 -3.43 28.36 -8.34
C MET A 223 -2.51 28.48 -7.13
N GLN A 224 -2.87 27.84 -6.01
CA GLN A 224 -2.04 27.80 -4.82
C GLN A 224 -0.79 26.96 -5.05
N LEU A 225 -0.92 25.84 -5.80
CA LEU A 225 0.22 24.99 -6.13
C LEU A 225 1.17 25.71 -7.06
N LEU A 226 0.65 26.51 -8.02
CA LEU A 226 1.48 27.31 -8.93
C LEU A 226 2.27 28.33 -8.11
N ARG A 227 1.62 28.99 -7.14
CA ARG A 227 2.19 29.96 -6.22
C ARG A 227 3.28 29.31 -5.31
N ASP A 228 2.99 28.11 -4.80
CA ASP A 228 3.92 27.34 -3.96
C ASP A 228 5.19 27.01 -4.74
N ASN A 229 5.06 26.56 -6.01
CA ASN A 229 6.22 26.26 -6.83
C ASN A 229 7.05 27.51 -7.12
N LEU A 230 6.39 28.64 -7.40
CA LEU A 230 7.12 29.90 -7.64
C LEU A 230 7.91 30.35 -6.40
N THR A 231 7.32 30.20 -5.21
CA THR A 231 7.95 30.54 -3.93
C THR A 231 9.17 29.63 -3.64
N LEU A 232 9.08 28.38 -4.07
CA LEU A 232 10.14 27.39 -3.91
C LEU A 232 11.28 27.64 -4.89
N TRP A 233 10.97 28.05 -6.13
CA TRP A 233 11.98 28.22 -7.16
C TRP A 233 12.59 29.61 -7.29
N THR A 234 11.93 30.66 -6.76
CA THR A 234 12.41 32.04 -6.88
C THR A 234 12.61 32.73 -5.53
N HIS B 3 22.11 -11.49 -7.38
CA HIS B 3 22.58 -11.77 -6.02
C HIS B 3 21.46 -12.27 -5.12
N MET B 4 21.39 -13.60 -4.93
CA MET B 4 20.34 -14.20 -4.15
C MET B 4 20.88 -15.26 -3.15
N GLU B 5 22.10 -15.04 -2.64
CA GLU B 5 22.60 -15.81 -1.52
C GLU B 5 21.78 -15.36 -0.27
N ARG B 6 21.76 -16.16 0.78
CA ARG B 6 20.98 -15.84 2.00
C ARG B 6 21.21 -14.41 2.53
N ALA B 7 22.48 -13.97 2.69
CA ALA B 7 22.73 -12.61 3.19
C ALA B 7 22.21 -11.49 2.24
N SER B 8 22.18 -11.74 0.94
CA SER B 8 21.67 -10.75 -0.04
C SER B 8 20.15 -10.62 0.05
N LEU B 9 19.46 -11.75 0.27
CA LEU B 9 18.01 -11.78 0.44
C LEU B 9 17.60 -11.01 1.70
N ILE B 10 18.36 -11.15 2.80
CA ILE B 10 18.07 -10.41 4.02
C ILE B 10 18.33 -8.92 3.82
N GLN B 11 19.40 -8.56 3.13
CA GLN B 11 19.66 -7.15 2.84
C GLN B 11 18.58 -6.54 1.97
N LYS B 12 18.08 -7.31 0.99
CA LYS B 12 17.01 -6.82 0.12
C LYS B 12 15.69 -6.69 0.90
N ALA B 13 15.46 -7.56 1.91
CA ALA B 13 14.27 -7.46 2.74
C ALA B 13 14.35 -6.15 3.55
N LYS B 14 15.55 -5.79 4.05
CA LYS B 14 15.71 -4.54 4.78
C LYS B 14 15.50 -3.33 3.89
N LEU B 15 15.96 -3.39 2.62
CA LEU B 15 15.74 -2.28 1.66
C LEU B 15 14.25 -2.16 1.34
N ALA B 16 13.58 -3.31 1.12
CA ALA B 16 12.15 -3.32 0.82
C ALA B 16 11.34 -2.75 1.98
N GLU B 17 11.76 -3.01 3.22
CA GLU B 17 11.09 -2.45 4.39
C GLU B 17 11.20 -0.91 4.40
N GLN B 18 12.39 -0.37 4.13
CA GLN B 18 12.58 1.07 4.07
C GLN B 18 11.73 1.72 2.96
N ALA B 19 11.57 1.01 1.82
CA ALA B 19 10.78 1.49 0.71
C ALA B 19 9.27 1.21 0.85
N GLU B 20 8.84 0.58 1.96
CA GLU B 20 7.47 0.19 2.25
C GLU B 20 6.87 -0.74 1.18
N ARG B 21 7.73 -1.62 0.65
CA ARG B 21 7.35 -2.60 -0.36
C ARG B 21 7.24 -3.95 0.39
N TYR B 22 6.12 -4.16 1.11
CA TYR B 22 5.97 -5.33 1.96
C TYR B 22 5.80 -6.66 1.23
N GLU B 23 5.21 -6.66 0.01
CA GLU B 23 5.12 -7.91 -0.75
C GLU B 23 6.51 -8.35 -1.20
N ASP B 24 7.36 -7.38 -1.64
CA ASP B 24 8.75 -7.69 -2.00
C ASP B 24 9.49 -8.17 -0.75
N MET B 25 9.34 -7.47 0.39
CA MET B 25 9.99 -7.84 1.65
C MET B 25 9.65 -9.28 2.06
N ALA B 26 8.36 -9.68 1.96
CA ALA B 26 7.91 -11.02 2.30
C ALA B 26 8.49 -12.08 1.37
N ALA B 27 8.56 -11.80 0.08
CA ALA B 27 9.15 -12.73 -0.90
C ALA B 27 10.66 -12.90 -0.67
N PHE B 28 11.36 -11.84 -0.24
CA PHE B 28 12.80 -11.94 0.06
C PHE B 28 12.99 -12.77 1.33
N MET B 29 12.17 -12.56 2.37
CA MET B 29 12.26 -13.33 3.62
C MET B 29 11.88 -14.78 3.42
N LYS B 30 10.95 -15.06 2.51
CA LYS B 30 10.57 -16.43 2.18
C LYS B 30 11.77 -17.15 1.54
N GLY B 31 12.47 -16.46 0.65
CA GLY B 31 13.65 -17.02 0.01
C GLY B 31 14.75 -17.30 1.03
N ALA B 32 14.93 -16.40 2.01
CA ALA B 32 15.96 -16.56 3.03
C ALA B 32 15.63 -17.76 3.94
N VAL B 33 14.35 -17.93 4.32
CA VAL B 33 13.93 -19.05 5.16
C VAL B 33 14.21 -20.38 4.42
N GLU B 34 13.91 -20.41 3.10
CA GLU B 34 14.11 -21.62 2.32
C GLU B 34 15.58 -22.02 2.12
N LYS B 35 16.54 -21.20 2.57
CA LYS B 35 17.94 -21.61 2.55
C LYS B 35 18.21 -22.71 3.61
N GLY B 36 17.29 -22.90 4.58
CA GLY B 36 17.37 -23.97 5.56
C GLY B 36 17.99 -23.60 6.90
N GLU B 37 18.50 -22.37 7.04
CA GLU B 37 19.13 -21.98 8.29
C GLU B 37 18.18 -21.28 9.26
N GLU B 38 18.46 -21.42 10.56
CA GLU B 38 17.64 -20.77 11.58
C GLU B 38 17.70 -19.25 11.44
N LEU B 39 16.62 -18.58 11.83
CA LEU B 39 16.57 -17.14 11.78
C LEU B 39 16.99 -16.58 13.11
N SER B 40 17.76 -15.51 13.08
CA SER B 40 18.11 -14.80 14.30
C SER B 40 16.82 -14.04 14.78
N CYS B 41 16.86 -13.43 15.98
CA CYS B 41 15.73 -12.65 16.48
C CYS B 41 15.38 -11.49 15.52
N GLU B 42 16.41 -10.82 14.98
CA GLU B 42 16.19 -9.72 14.03
C GLU B 42 15.55 -10.24 12.73
N GLU B 43 16.04 -11.38 12.21
CA GLU B 43 15.48 -11.99 10.99
C GLU B 43 14.04 -12.47 11.16
N ARG B 44 13.69 -13.06 12.32
CA ARG B 44 12.31 -13.49 12.65
C ARG B 44 11.38 -12.29 12.61
N ASN B 45 11.81 -11.15 13.17
CA ASN B 45 11.02 -9.95 13.19
C ASN B 45 10.80 -9.41 11.80
N LEU B 46 11.82 -9.51 10.91
CA LEU B 46 11.70 -9.08 9.52
C LEU B 46 10.65 -9.94 8.82
N LEU B 47 10.68 -11.27 9.02
CA LEU B 47 9.71 -12.18 8.40
C LEU B 47 8.29 -11.84 8.89
N SER B 48 8.15 -11.67 10.20
CA SER B 48 6.86 -11.34 10.83
C SER B 48 6.29 -10.02 10.34
N VAL B 49 7.09 -8.92 10.35
CA VAL B 49 6.65 -7.60 9.91
C VAL B 49 6.21 -7.64 8.45
N ALA B 50 6.98 -8.34 7.59
CA ALA B 50 6.65 -8.41 6.17
C ALA B 50 5.28 -9.06 5.93
N TYR B 51 5.02 -10.25 6.47
CA TYR B 51 3.76 -10.92 6.23
C TYR B 51 2.59 -10.26 6.97
N LYS B 52 2.84 -9.66 8.15
CA LYS B 52 1.79 -8.96 8.90
C LYS B 52 1.27 -7.75 8.08
N ASN B 53 2.17 -7.05 7.40
CA ASN B 53 1.77 -5.92 6.57
C ASN B 53 0.99 -6.37 5.34
N VAL B 54 1.44 -7.44 4.70
CA VAL B 54 0.77 -7.99 3.52
C VAL B 54 -0.66 -8.44 3.87
N VAL B 55 -0.79 -9.34 4.86
N VAL B 55 -0.81 -9.35 4.85
CA VAL B 55 -2.09 -9.86 5.27
CA VAL B 55 -2.13 -9.82 5.25
C VAL B 55 -2.94 -8.76 5.95
C VAL B 55 -2.96 -8.69 5.86
N GLY B 56 -2.32 -7.75 6.56
CA GLY B 56 -3.03 -6.64 7.18
C GLY B 56 -3.78 -5.79 6.15
N GLY B 57 -3.19 -5.59 4.99
CA GLY B 57 -3.83 -4.85 3.91
C GLY B 57 -5.01 -5.63 3.33
N GLN B 58 -4.87 -6.97 3.23
CA GLN B 58 -5.96 -7.78 2.70
C GLN B 58 -7.11 -7.87 3.71
N ARG B 59 -6.78 -8.01 5.01
CA ARG B 59 -7.77 -8.08 6.06
C ARG B 59 -8.55 -6.74 6.10
N ALA B 60 -7.87 -5.60 5.97
CA ALA B 60 -8.52 -4.29 5.99
C ALA B 60 -9.46 -4.13 4.79
N ALA B 61 -9.03 -4.58 3.60
CA ALA B 61 -9.85 -4.50 2.41
C ALA B 61 -11.07 -5.40 2.56
N TRP B 62 -10.89 -6.60 3.11
CA TRP B 62 -11.96 -7.56 3.34
C TRP B 62 -13.02 -6.97 4.29
N ARG B 63 -12.58 -6.26 5.32
CA ARG B 63 -13.52 -5.67 6.28
C ARG B 63 -14.31 -4.52 5.66
N VAL B 64 -13.70 -3.72 4.77
CA VAL B 64 -14.43 -2.64 4.06
C VAL B 64 -15.53 -3.28 3.18
N LEU B 65 -15.16 -4.30 2.38
CA LEU B 65 -16.10 -4.97 1.48
C LEU B 65 -17.21 -5.67 2.19
N SER B 66 -16.89 -6.41 3.28
CA SER B 66 -17.85 -7.15 4.09
C SER B 66 -18.86 -6.18 4.72
N SER B 67 -18.39 -5.03 5.17
CA SER B 67 -19.21 -3.97 5.77
C SER B 67 -20.18 -3.36 4.72
N ILE B 68 -19.73 -3.18 3.47
CA ILE B 68 -20.60 -2.65 2.40
C ILE B 68 -21.66 -3.71 2.08
N GLU B 69 -21.21 -4.96 1.91
CA GLU B 69 -22.06 -6.11 1.58
C GLU B 69 -23.15 -6.31 2.63
N GLN B 70 -22.84 -6.06 3.91
CA GLN B 70 -23.79 -6.21 5.01
C GLN B 70 -24.72 -5.00 5.14
N LYS B 71 -24.18 -3.78 4.97
CA LYS B 71 -24.97 -2.55 5.08
C LYS B 71 -26.07 -2.52 4.01
N SER B 72 -25.76 -3.01 2.81
CA SER B 72 -26.72 -3.07 1.71
C SER B 72 -27.89 -4.04 1.99
N ASN B 73 -27.74 -4.95 2.95
CA ASN B 73 -28.81 -5.87 3.33
C ASN B 73 -29.56 -5.39 4.58
N GLY B 81 -25.54 -5.65 -4.65
CA GLY B 81 -25.56 -6.40 -5.90
C GLY B 81 -24.55 -7.54 -5.92
N PRO B 82 -24.42 -8.28 -7.04
CA PRO B 82 -23.44 -9.37 -7.08
C PRO B 82 -21.97 -8.93 -7.07
N GLU B 83 -21.69 -7.69 -7.47
CA GLU B 83 -20.33 -7.15 -7.53
C GLU B 83 -19.57 -7.14 -6.21
N VAL B 84 -20.21 -6.72 -5.09
CA VAL B 84 -19.53 -6.67 -3.80
C VAL B 84 -19.12 -8.06 -3.37
N ARG B 85 -20.02 -9.04 -3.55
CA ARG B 85 -19.76 -10.43 -3.20
C ARG B 85 -18.59 -11.00 -4.01
N GLU B 86 -18.60 -10.81 -5.33
CA GLU B 86 -17.56 -11.32 -6.19
C GLU B 86 -16.20 -10.72 -5.86
N TYR B 87 -16.16 -9.40 -5.61
CA TYR B 87 -14.89 -8.74 -5.33
C TYR B 87 -14.38 -9.13 -3.93
N ARG B 88 -15.30 -9.28 -2.96
CA ARG B 88 -14.96 -9.76 -1.62
C ARG B 88 -14.35 -11.17 -1.70
N GLU B 89 -14.91 -12.04 -2.55
CA GLU B 89 -14.39 -13.40 -2.74
C GLU B 89 -12.99 -13.39 -3.36
N LYS B 90 -12.71 -12.43 -4.25
CA LYS B 90 -11.39 -12.30 -4.88
C LYS B 90 -10.34 -11.92 -3.83
N VAL B 91 -10.66 -10.96 -2.96
CA VAL B 91 -9.76 -10.52 -1.90
C VAL B 91 -9.52 -11.67 -0.88
N GLU B 92 -10.59 -12.43 -0.58
CA GLU B 92 -10.54 -13.58 0.31
C GLU B 92 -9.58 -14.63 -0.23
N THR B 93 -9.69 -14.97 -1.52
CA THR B 93 -8.86 -15.97 -2.17
C THR B 93 -7.38 -15.57 -2.10
N GLU B 94 -7.10 -14.28 -2.32
CA GLU B 94 -5.74 -13.78 -2.21
C GLU B 94 -5.20 -13.88 -0.77
N LEU B 95 -6.00 -13.47 0.22
CA LEU B 95 -5.66 -13.53 1.65
C LEU B 95 -5.36 -14.99 2.03
N GLN B 96 -6.19 -15.94 1.55
CA GLN B 96 -6.01 -17.35 1.83
C GLN B 96 -4.68 -17.87 1.29
N GLY B 97 -4.29 -17.41 0.09
CA GLY B 97 -3.03 -17.77 -0.53
C GLY B 97 -1.83 -17.29 0.29
N VAL B 98 -1.91 -16.07 0.84
CA VAL B 98 -0.83 -15.56 1.70
C VAL B 98 -0.72 -16.39 3.00
N CYS B 99 -1.85 -16.66 3.68
CA CYS B 99 -1.85 -17.49 4.88
C CYS B 99 -1.31 -18.90 4.62
N ASP B 100 -1.73 -19.53 3.50
CA ASP B 100 -1.24 -20.86 3.15
C ASP B 100 0.30 -20.86 2.93
N THR B 101 0.83 -19.78 2.35
CA THR B 101 2.27 -19.62 2.16
C THR B 101 2.99 -19.57 3.51
N VAL B 102 2.51 -18.74 4.46
CA VAL B 102 3.11 -18.62 5.80
C VAL B 102 3.00 -19.94 6.57
N LEU B 103 1.84 -20.58 6.54
CA LEU B 103 1.66 -21.87 7.19
C LEU B 103 2.57 -22.95 6.60
N GLY B 104 2.79 -22.90 5.29
CA GLY B 104 3.70 -23.80 4.60
C GLY B 104 5.15 -23.60 5.05
N LEU B 105 5.60 -22.33 5.15
CA LEU B 105 6.94 -22.04 5.65
C LEU B 105 7.12 -22.54 7.09
N LEU B 106 6.13 -22.28 7.95
CA LEU B 106 6.20 -22.69 9.36
C LEU B 106 6.32 -24.20 9.48
N ASP B 107 5.51 -24.94 8.72
CA ASP B 107 5.54 -26.41 8.75
C ASP B 107 6.81 -27.01 8.20
N SER B 108 7.29 -26.50 7.05
CA SER B 108 8.43 -27.14 6.40
C SER B 108 9.79 -26.65 6.88
N HIS B 109 9.89 -25.48 7.50
CA HIS B 109 11.22 -24.95 7.84
C HIS B 109 11.39 -24.39 9.23
N LEU B 110 10.41 -23.68 9.77
CA LEU B 110 10.61 -22.91 11.00
C LEU B 110 10.28 -23.64 12.30
N ILE B 111 9.17 -24.39 12.32
CA ILE B 111 8.77 -25.09 13.53
C ILE B 111 9.62 -26.38 13.70
N LYS B 112 10.39 -26.45 14.78
CA LYS B 112 11.22 -27.62 15.03
C LYS B 112 11.35 -27.93 16.51
N GLU B 113 12.01 -29.05 16.84
CA GLU B 113 12.16 -29.47 18.22
C GLU B 113 13.25 -28.68 18.91
N ALA B 114 14.34 -28.35 18.21
CA ALA B 114 15.45 -27.65 18.83
C ALA B 114 15.26 -26.11 18.85
N GLY B 115 16.13 -25.42 19.59
CA GLY B 115 16.08 -23.97 19.71
C GLY B 115 15.53 -23.57 21.05
N ASP B 116 15.76 -22.31 21.44
CA ASP B 116 15.25 -21.84 22.72
C ASP B 116 13.70 -21.78 22.72
N ALA B 117 13.09 -21.69 23.91
CA ALA B 117 11.65 -21.62 24.08
C ALA B 117 11.08 -20.41 23.33
N GLU B 118 11.81 -19.28 23.32
CA GLU B 118 11.43 -18.04 22.62
C GLU B 118 11.15 -18.27 21.14
N SER B 119 12.07 -18.94 20.43
CA SER B 119 11.87 -19.17 19.03
C SER B 119 10.71 -20.15 18.80
N ARG B 120 10.61 -21.20 19.61
CA ARG B 120 9.54 -22.19 19.44
C ARG B 120 8.14 -21.61 19.67
N VAL B 121 8.00 -20.75 20.70
CA VAL B 121 6.74 -20.09 21.02
C VAL B 121 6.44 -19.09 19.93
N PHE B 122 7.44 -18.32 19.47
CA PHE B 122 7.24 -17.34 18.39
C PHE B 122 6.58 -17.97 17.15
N TYR B 123 7.11 -19.07 16.65
CA TYR B 123 6.60 -19.71 15.44
C TYR B 123 5.27 -20.40 15.66
N LEU B 124 5.05 -21.00 16.83
CA LEU B 124 3.77 -21.63 17.13
C LEU B 124 2.66 -20.60 17.28
N LYS B 125 2.99 -19.40 17.83
CA LYS B 125 2.08 -18.27 17.95
C LYS B 125 1.72 -17.78 16.54
N MET B 126 2.73 -17.67 15.66
CA MET B 126 2.54 -17.26 14.27
C MET B 126 1.61 -18.28 13.56
N LYS B 127 1.74 -19.56 13.86
CA LYS B 127 0.87 -20.59 13.27
C LYS B 127 -0.59 -20.37 13.72
N GLY B 128 -0.78 -20.11 15.01
CA GLY B 128 -2.12 -19.80 15.53
C GLY B 128 -2.70 -18.54 14.88
N ASP B 129 -1.89 -17.48 14.75
CA ASP B 129 -2.29 -16.22 14.11
C ASP B 129 -2.73 -16.41 12.65
N TYR B 130 -1.94 -17.14 11.81
CA TYR B 130 -2.30 -17.26 10.40
C TYR B 130 -3.53 -18.18 10.23
N TYR B 131 -3.73 -19.17 11.11
CA TYR B 131 -4.98 -19.95 11.07
C TYR B 131 -6.17 -19.06 11.51
N ARG B 132 -5.94 -18.14 12.46
CA ARG B 132 -6.95 -17.21 12.93
C ARG B 132 -7.38 -16.25 11.78
N TYR B 133 -6.43 -15.79 10.95
CA TYR B 133 -6.77 -14.94 9.80
C TYR B 133 -7.62 -15.76 8.78
N LEU B 134 -7.30 -17.03 8.58
CA LEU B 134 -8.09 -17.90 7.69
C LEU B 134 -9.50 -18.07 8.29
N ALA B 135 -9.60 -18.24 9.63
CA ALA B 135 -10.87 -18.41 10.33
C ALA B 135 -11.77 -17.17 10.18
N GLU B 136 -11.19 -15.95 10.15
CA GLU B 136 -11.95 -14.71 10.00
C GLU B 136 -12.81 -14.69 8.72
N VAL B 137 -12.33 -15.34 7.64
CA VAL B 137 -13.06 -15.30 6.37
C VAL B 137 -13.68 -16.62 5.99
N ALA B 138 -13.35 -17.72 6.65
CA ALA B 138 -13.89 -19.04 6.29
C ALA B 138 -15.39 -19.18 6.68
N THR B 139 -16.09 -20.14 6.04
CA THR B 139 -17.50 -20.45 6.38
C THR B 139 -17.67 -21.98 6.56
N GLY B 140 -18.81 -22.39 7.12
CA GLY B 140 -19.20 -23.79 7.29
C GLY B 140 -18.23 -24.70 8.01
N ASP B 141 -18.14 -25.98 7.57
CA ASP B 141 -17.26 -26.98 8.21
C ASP B 141 -15.77 -26.64 8.13
N ASP B 142 -15.35 -25.96 7.05
CA ASP B 142 -13.96 -25.54 6.87
C ASP B 142 -13.58 -24.57 7.98
N LYS B 143 -14.46 -23.62 8.30
CA LYS B 143 -14.23 -22.67 9.38
C LYS B 143 -14.06 -23.40 10.73
N LYS B 144 -14.88 -24.42 10.98
CA LYS B 144 -14.83 -25.18 12.23
C LYS B 144 -13.48 -25.88 12.39
N ARG B 145 -12.96 -26.48 11.31
CA ARG B 145 -11.66 -27.18 11.36
C ARG B 145 -10.50 -26.17 11.55
N ILE B 146 -10.57 -25.02 10.89
CA ILE B 146 -9.56 -23.98 10.99
C ILE B 146 -9.55 -23.43 12.41
N ILE B 147 -10.73 -23.17 13.01
CA ILE B 147 -10.80 -22.73 14.41
C ILE B 147 -10.10 -23.76 15.37
N ASP B 148 -10.38 -25.06 15.19
CA ASP B 148 -9.73 -26.10 16.04
C ASP B 148 -8.17 -26.15 15.79
N SER B 149 -7.71 -25.86 14.55
CA SER B 149 -6.28 -25.86 14.22
C SER B 149 -5.58 -24.67 14.88
N ALA B 150 -6.23 -23.47 14.87
CA ALA B 150 -5.70 -22.28 15.52
C ALA B 150 -5.57 -22.53 17.06
N ARG B 151 -6.62 -23.09 17.68
CA ARG B 151 -6.60 -23.36 19.12
C ARG B 151 -5.47 -24.33 19.48
N SER B 152 -5.26 -25.40 18.70
CA SER B 152 -4.19 -26.37 19.00
C SER B 152 -2.81 -25.72 18.96
N ALA B 153 -2.54 -24.84 17.97
CA ALA B 153 -1.23 -24.19 17.86
C ALA B 153 -1.00 -23.23 19.03
N TYR B 154 -2.01 -22.40 19.37
CA TYR B 154 -1.87 -21.46 20.49
C TYR B 154 -1.69 -22.24 21.81
N GLN B 155 -2.46 -23.33 22.00
CA GLN B 155 -2.38 -24.15 23.22
C GLN B 155 -1.01 -24.80 23.40
N GLU B 156 -0.43 -25.32 22.32
CA GLU B 156 0.91 -25.90 22.38
C GLU B 156 1.94 -24.78 22.76
N ALA B 157 1.77 -23.57 22.19
CA ALA B 157 2.66 -22.45 22.49
C ALA B 157 2.49 -22.00 23.95
N MET B 158 1.26 -22.01 24.47
CA MET B 158 0.98 -21.63 25.86
C MET B 158 1.66 -22.59 26.82
N ASP B 159 1.61 -23.89 26.52
CA ASP B 159 2.20 -24.92 27.38
C ASP B 159 3.72 -24.72 27.49
N ILE B 160 4.40 -24.45 26.36
CA ILE B 160 5.84 -24.18 26.38
C ILE B 160 6.15 -22.90 27.17
N SER B 161 5.42 -21.81 26.91
CA SER B 161 5.70 -20.53 27.55
C SER B 161 5.52 -20.55 29.08
N LYS B 162 4.50 -21.25 29.57
CA LYS B 162 4.28 -21.34 31.01
C LYS B 162 5.40 -22.17 31.71
N LYS B 163 5.93 -23.18 31.02
CA LYS B 163 6.99 -24.00 31.59
C LYS B 163 8.38 -23.42 31.46
N GLU B 164 8.66 -22.67 30.38
CA GLU B 164 10.03 -22.25 30.11
C GLU B 164 10.30 -20.75 30.07
N MET B 165 9.29 -19.89 30.22
CA MET B 165 9.51 -18.45 30.14
C MET B 165 8.96 -17.74 31.36
N PRO B 166 9.60 -16.63 31.79
CA PRO B 166 9.03 -15.86 32.92
C PRO B 166 7.74 -15.13 32.49
N PRO B 167 6.81 -14.87 33.43
CA PRO B 167 5.52 -14.24 33.06
C PRO B 167 5.60 -12.83 32.47
N THR B 168 6.75 -12.18 32.55
CA THR B 168 6.94 -10.85 31.96
C THR B 168 7.55 -10.91 30.56
N ASN B 169 7.93 -12.10 30.05
CA ASN B 169 8.51 -12.20 28.70
C ASN B 169 7.53 -11.69 27.65
N PRO B 170 7.96 -10.73 26.81
CA PRO B 170 7.03 -10.14 25.84
C PRO B 170 6.46 -11.12 24.80
N ILE B 171 7.20 -12.18 24.46
CA ILE B 171 6.67 -13.18 23.52
C ILE B 171 5.53 -13.96 24.19
N ARG B 172 5.71 -14.31 25.47
CA ARG B 172 4.69 -15.00 26.26
C ARG B 172 3.44 -14.09 26.41
N LEU B 173 3.65 -12.79 26.68
CA LEU B 173 2.58 -11.81 26.85
C LEU B 173 1.81 -11.61 25.53
N GLY B 174 2.53 -11.52 24.41
CA GLY B 174 1.95 -11.32 23.09
C GLY B 174 1.16 -12.53 22.62
N LEU B 175 1.61 -13.72 22.98
CA LEU B 175 0.90 -14.95 22.67
C LEU B 175 -0.44 -14.95 23.45
N ALA B 176 -0.41 -14.62 24.75
CA ALA B 176 -1.63 -14.60 25.56
C ALA B 176 -2.58 -13.54 25.04
N LEU B 177 -2.06 -12.38 24.65
CA LEU B 177 -2.88 -11.32 24.03
C LEU B 177 -3.63 -11.85 22.78
N ASN B 178 -2.92 -12.51 21.87
CA ASN B 178 -3.54 -13.02 20.64
C ASN B 178 -4.48 -14.18 20.86
N PHE B 179 -4.13 -15.11 21.75
CA PHE B 179 -4.98 -16.27 22.09
C PHE B 179 -6.26 -15.77 22.76
N SER B 180 -6.15 -14.71 23.58
CA SER B 180 -7.31 -14.08 24.20
C SER B 180 -8.22 -13.46 23.11
N VAL B 181 -7.64 -12.82 22.05
CA VAL B 181 -8.41 -12.28 20.94
C VAL B 181 -9.12 -13.43 20.19
N PHE B 182 -8.40 -14.55 20.00
CA PHE B 182 -8.95 -15.75 19.36
C PHE B 182 -10.20 -16.23 20.13
N HIS B 183 -10.09 -16.38 21.45
CA HIS B 183 -11.21 -16.81 22.30
C HIS B 183 -12.41 -15.86 22.14
N TYR B 184 -12.16 -14.55 22.19
CA TYR B 184 -13.24 -13.57 22.11
C TYR B 184 -13.95 -13.49 20.74
N GLU B 185 -13.20 -13.31 19.65
CA GLU B 185 -13.76 -13.08 18.31
C GLU B 185 -14.02 -14.30 17.45
N ILE B 186 -13.23 -15.35 17.62
CA ILE B 186 -13.30 -16.51 16.73
C ILE B 186 -14.04 -17.64 17.39
N ALA B 187 -13.60 -18.03 18.60
CA ALA B 187 -14.20 -19.14 19.32
C ALA B 187 -15.47 -18.79 20.06
N ASN B 188 -15.86 -17.51 20.10
CA ASN B 188 -17.05 -17.07 20.83
C ASN B 188 -17.04 -17.53 22.30
N SER B 189 -15.89 -17.42 22.96
CA SER B 189 -15.69 -17.77 24.37
C SER B 189 -15.18 -16.54 25.12
N PRO B 190 -16.03 -15.53 25.34
CA PRO B 190 -15.57 -14.29 26.00
C PRO B 190 -15.10 -14.47 27.43
N GLU B 191 -15.67 -15.43 28.16
CA GLU B 191 -15.26 -15.69 29.53
C GLU B 191 -13.84 -16.20 29.58
N GLU B 192 -13.48 -17.09 28.66
CA GLU B 192 -12.12 -17.63 28.55
C GLU B 192 -11.14 -16.53 28.10
N ALA B 193 -11.59 -15.64 27.20
CA ALA B 193 -10.80 -14.52 26.70
C ALA B 193 -10.43 -13.54 27.83
N ILE B 194 -11.43 -13.14 28.65
CA ILE B 194 -11.27 -12.20 29.73
C ILE B 194 -10.43 -12.79 30.85
N SER B 195 -10.69 -14.05 31.23
CA SER B 195 -9.93 -14.67 32.30
C SER B 195 -8.46 -14.90 31.90
N LEU B 196 -8.18 -15.20 30.61
CA LEU B 196 -6.79 -15.37 30.16
C LEU B 196 -6.05 -14.04 30.18
N ALA B 197 -6.69 -12.96 29.71
CA ALA B 197 -6.07 -11.65 29.70
C ALA B 197 -5.83 -11.15 31.14
N LYS B 198 -6.82 -11.33 32.04
CA LYS B 198 -6.67 -10.95 33.46
C LYS B 198 -5.53 -11.72 34.14
N THR B 199 -5.49 -13.05 33.94
CA THR B 199 -4.46 -13.87 34.58
C THR B 199 -3.08 -13.49 34.09
N THR B 200 -2.93 -13.30 32.76
CA THR B 200 -1.65 -12.93 32.16
C THR B 200 -1.19 -11.57 32.70
N PHE B 201 -2.10 -10.60 32.76
CA PHE B 201 -1.79 -9.26 33.27
C PHE B 201 -1.34 -9.33 34.73
N ASP B 202 -2.13 -10.01 35.58
CA ASP B 202 -1.80 -10.12 37.00
C ASP B 202 -0.49 -10.83 37.28
N GLU B 203 -0.20 -11.93 36.59
CA GLU B 203 1.06 -12.65 36.78
C GLU B 203 2.28 -11.84 36.36
N ALA B 204 2.14 -11.02 35.32
CA ALA B 204 3.23 -10.15 34.87
C ALA B 204 3.40 -8.97 35.85
N MET B 205 2.28 -8.42 36.34
CA MET B 205 2.24 -7.30 37.28
C MET B 205 3.04 -7.59 38.54
N ALA B 206 2.95 -8.82 39.05
CA ALA B 206 3.67 -9.26 40.24
C ALA B 206 5.21 -9.23 40.08
N ASP B 207 5.72 -9.34 38.85
CA ASP B 207 7.17 -9.38 38.61
C ASP B 207 7.74 -8.14 37.90
N LEU B 208 6.90 -7.17 37.50
CA LEU B 208 7.39 -5.98 36.79
C LEU B 208 8.53 -5.21 37.48
N HIS B 209 8.52 -5.12 38.82
CA HIS B 209 9.55 -4.39 39.57
C HIS B 209 10.95 -4.98 39.48
N THR B 210 11.06 -6.24 39.01
CA THR B 210 12.35 -6.94 38.89
C THR B 210 12.93 -6.87 37.48
N LEU B 211 12.57 -5.84 36.71
CA LEU B 211 13.05 -5.70 35.34
C LEU B 211 13.86 -4.43 35.11
N SER B 212 14.75 -4.46 34.12
CA SER B 212 15.55 -3.32 33.72
C SER B 212 14.69 -2.38 32.88
N GLU B 213 15.05 -1.09 32.78
CA GLU B 213 14.28 -0.13 31.99
C GLU B 213 13.91 -0.61 30.56
N ASP B 214 14.84 -1.27 29.84
CA ASP B 214 14.56 -1.74 28.48
C ASP B 214 13.56 -2.89 28.48
N SER B 215 13.68 -3.81 29.43
CA SER B 215 12.77 -4.96 29.51
C SER B 215 11.41 -4.53 30.02
N TYR B 216 11.40 -3.64 31.04
CA TYR B 216 10.22 -3.07 31.66
C TYR B 216 9.36 -2.39 30.57
N LYS B 217 10.00 -1.66 29.66
CA LYS B 217 9.34 -0.95 28.58
C LYS B 217 8.68 -1.93 27.62
N ASP B 218 9.33 -3.06 27.33
CA ASP B 218 8.81 -4.07 26.41
C ASP B 218 7.62 -4.84 26.97
N SER B 219 7.68 -5.20 28.24
CA SER B 219 6.61 -5.91 28.90
C SER B 219 5.40 -5.01 29.10
N THR B 220 5.60 -3.76 29.60
CA THR B 220 4.50 -2.88 29.89
C THR B 220 3.73 -2.49 28.63
N LEU B 221 4.39 -2.38 27.49
CA LEU B 221 3.72 -2.08 26.22
C LEU B 221 2.64 -3.11 25.88
N ILE B 222 2.94 -4.38 26.05
CA ILE B 222 1.96 -5.46 25.78
C ILE B 222 0.92 -5.54 26.89
N MET B 223 1.33 -5.28 28.13
CA MET B 223 0.42 -5.25 29.28
C MET B 223 -0.64 -4.15 29.09
N GLN B 224 -0.28 -3.04 28.42
CA GLN B 224 -1.24 -2.00 28.11
C GLN B 224 -2.27 -2.48 27.11
N LEU B 225 -1.86 -3.30 26.13
CA LEU B 225 -2.77 -3.85 25.12
C LEU B 225 -3.74 -4.84 25.77
N LEU B 226 -3.24 -5.65 26.73
CA LEU B 226 -4.08 -6.60 27.48
C LEU B 226 -5.14 -5.80 28.27
N ARG B 227 -4.72 -4.71 28.92
CA ARG B 227 -5.60 -3.83 29.65
C ARG B 227 -6.63 -3.16 28.75
N ASP B 228 -6.20 -2.66 27.58
CA ASP B 228 -7.07 -2.01 26.60
C ASP B 228 -8.17 -2.99 26.16
N ASN B 229 -7.82 -4.26 25.89
CA ASN B 229 -8.84 -5.26 25.52
C ASN B 229 -9.81 -5.52 26.68
N LEU B 230 -9.31 -5.60 27.92
CA LEU B 230 -10.18 -5.79 29.07
C LEU B 230 -11.17 -4.63 29.25
N THR B 231 -10.71 -3.39 29.04
CA THR B 231 -11.53 -2.18 29.13
C THR B 231 -12.61 -2.16 28.03
N LEU B 232 -12.29 -2.69 26.86
CA LEU B 232 -13.20 -2.77 25.73
C LEU B 232 -14.25 -3.87 25.95
N TRP B 233 -13.87 -5.00 26.55
CA TRP B 233 -14.77 -6.14 26.72
C TRP B 233 -15.56 -6.21 28.02
N THR B 234 -15.14 -5.47 29.06
CA THR B 234 -15.78 -5.53 30.36
C THR B 234 -16.17 -4.16 30.92
N SER C 1 -10.11 2.08 20.68
CA SER C 1 -11.51 1.75 20.41
C SER C 1 -11.71 0.44 19.60
N SER C 2 -10.61 -0.15 19.10
CA SER C 2 -10.68 -1.45 18.41
C SER C 2 -9.70 -2.41 19.13
N ARG C 3 -10.05 -3.70 19.22
CA ARG C 3 -9.23 -4.64 19.99
C ARG C 3 -7.80 -4.76 19.42
N ASN C 4 -6.88 -5.11 20.30
CA ASN C 4 -5.48 -5.20 19.95
C ASN C 4 -4.99 -6.60 19.87
N SEP C 5 -4.24 -6.87 18.81
CA SEP C 5 -3.46 -8.08 18.64
CB SEP C 5 -3.91 -8.99 17.50
OG SEP C 5 -3.69 -8.28 16.28
C SEP C 5 -2.01 -7.53 18.59
O SEP C 5 -1.85 -6.32 18.43
P SEP C 5 -4.05 -9.09 15.02
O1P SEP C 5 -5.50 -9.56 14.93
O2P SEP C 5 -3.18 -10.33 14.90
O3P SEP C 5 -3.77 -8.13 13.86
N THR C 6 -0.96 -8.37 18.76
CA THR C 6 0.42 -7.89 18.76
C THR C 6 0.79 -7.14 17.50
N PRO C 7 1.49 -6.01 17.66
CA PRO C 7 1.87 -5.21 16.48
C PRO C 7 2.75 -5.94 15.46
N GLY C 8 3.31 -7.08 15.87
CA GLY C 8 4.06 -7.97 14.99
C GLY C 8 3.28 -9.24 14.75
N SER D 2 10.20 20.01 -2.49
CA SER D 2 8.82 19.63 -2.23
C SER D 2 7.88 20.22 -3.29
N ARG D 3 8.30 20.25 -4.58
CA ARG D 3 7.48 20.80 -5.66
C ARG D 3 6.17 20.03 -5.85
N ASN D 4 5.15 20.73 -6.34
CA ASN D 4 3.85 20.17 -6.51
C ASN D 4 3.48 19.94 -7.94
N SEP D 5 2.92 18.77 -8.20
CA SEP D 5 2.30 18.41 -9.47
CB SEP D 5 3.00 17.23 -10.16
OG SEP D 5 2.86 16.06 -9.34
C SEP D 5 0.82 18.22 -9.10
O SEP D 5 0.52 18.17 -7.91
P SEP D 5 3.41 14.77 -9.96
O1P SEP D 5 2.72 14.34 -11.23
O2P SEP D 5 4.87 14.91 -10.23
O3P SEP D 5 3.19 13.69 -8.96
N THR D 6 -0.10 18.13 -10.07
CA THR D 6 -1.53 17.98 -9.76
C THR D 6 -1.82 16.73 -8.95
N PRO D 7 -2.68 16.85 -7.92
CA PRO D 7 -2.97 15.67 -7.08
C PRO D 7 -3.66 14.52 -7.82
C1 PEG E . -4.25 -3.31 -4.20
O1 PEG E . -4.85 -3.92 -5.35
C2 PEG E . -2.90 -2.68 -4.46
O2 PEG E . -2.83 -1.38 -3.89
C3 PEG E . -1.97 -0.56 -4.68
C4 PEG E . -1.50 0.64 -3.92
O4 PEG E . -0.53 1.38 -4.69
C1 PEG F . 8.77 23.22 -24.70
C2 PEG F . 8.33 23.51 -26.10
O2 PEG F . 7.49 22.47 -26.61
C3 PEG F . 8.00 21.87 -27.81
C4 PEG F . 7.35 20.54 -28.06
O4 PEG F . 8.26 19.55 -28.52
H11 PEG F . 8.01 23.52 -23.97
H12 PEG F . 8.93 22.15 -24.56
H21 PEG F . 9.19 23.66 -26.74
H22 PEG F . 7.80 24.46 -26.12
H31 PEG F . 9.08 21.74 -27.76
H32 PEG F . 7.82 22.54 -28.66
H41 PEG F . 6.60 20.62 -28.86
H42 PEG F . 6.80 20.19 -27.18
HO4 PEG F . 8.80 19.25 -27.74
C1 GOL G . 9.53 3.07 -22.49
O1 GOL G . 8.78 2.06 -23.14
C2 GOL G . 10.62 2.48 -21.63
O2 GOL G . 11.43 3.55 -21.11
C3 GOL G . 10.07 1.67 -20.48
O3 GOL G . 9.65 0.38 -20.90
H11 GOL G . 8.89 3.72 -21.90
H12 GOL G . 9.97 3.72 -23.25
HO1 GOL G . 8.03 1.81 -22.52
H2 GOL G . 11.34 1.91 -22.22
HO2 GOL G . 10.87 4.10 -20.52
H31 GOL G . 9.26 2.21 -19.98
H32 GOL G . 10.84 1.56 -19.71
HO3 GOL G . 8.70 0.49 -21.21
BR BR H . -13.87 -9.50 -9.02
BR BR I . 17.02 5.06 -21.11
BR BR J . 3.52 26.89 -23.87
C1 PEG K . 3.51 -3.89 -1.67
O1 PEG K . 3.36 -3.58 -0.29
C2 PEG K . 4.86 -3.51 -2.23
O2 PEG K . 5.70 -4.66 -2.44
C3 PEG K . 5.96 -4.89 -3.80
C4 PEG K . 4.80 -5.56 -4.50
O4 PEG K . 5.04 -5.67 -5.91
O2 PEG L . 2.56 -14.74 -0.25
C3 PEG L . 2.30 -15.76 -1.20
C4 PEG L . 0.84 -15.79 -1.51
O4 PEG L . 0.52 -16.62 -2.64
C1 GOL M . -6.63 -23.02 3.91
O1 GOL M . -5.63 -23.99 4.20
C2 GOL M . -7.45 -23.41 2.70
O2 GOL M . -8.64 -24.11 3.12
C3 GOL M . -7.84 -22.15 1.97
O3 GOL M . -6.74 -21.68 1.20
H11 GOL M . -6.17 -22.04 3.76
H12 GOL M . -7.27 -22.90 4.79
HO1 GOL M . -6.08 -24.87 4.15
H2 GOL M . -6.99 -24.13 2.04
HO2 GOL M . -8.38 -24.78 3.81
H31 GOL M . -8.19 -21.38 2.65
H32 GOL M . -8.69 -22.35 1.30
HO3 GOL M . -7.04 -20.82 0.80
C TRS N . -18.72 -12.12 21.37
C1 TRS N . -17.86 -12.67 22.51
C2 TRS N . -19.16 -10.69 21.70
C3 TRS N . -17.94 -12.20 20.04
N TRS N . -19.94 -12.98 21.25
O1 TRS N . -17.28 -13.92 22.15
O2 TRS N . -20.14 -10.22 20.79
O3 TRS N . -18.03 -11.01 19.26
H11 TRS N . -18.46 -12.80 23.40
H12 TRS N . -17.08 -11.96 22.77
H21 TRS N . -18.34 -9.97 21.63
H22 TRS N . -19.48 -10.66 22.74
H31 TRS N . -18.27 -13.09 19.50
H32 TRS N . -16.87 -12.32 20.20
HN1 TRS N . -20.46 -12.76 20.41
HN2 TRS N . -20.55 -12.85 22.05
HN3 TRS N . -19.69 -13.96 21.22
HO1 TRS N . -17.99 -14.60 22.21
HO2 TRS N . -21.03 -10.27 21.23
HO3 TRS N . -18.92 -11.00 18.82
BR BR O . 16.13 -7.90 -6.78
#